data_4KML
#
_entry.id   4KML
#
_cell.length_a   131.442
_cell.length_b   45.921
_cell.length_c   44.964
_cell.angle_alpha   90.00
_cell.angle_beta   96.09
_cell.angle_gamma   90.00
#
_symmetry.space_group_name_H-M   'C 1 2 1'
#
loop_
_entity.id
_entity.type
_entity.pdbx_description
1 polymer 'Major prion protein'
2 polymer Nanobody
3 water water
#
loop_
_entity_poly.entity_id
_entity_poly.type
_entity_poly.pdbx_seq_one_letter_code
_entity_poly.pdbx_strand_id
1 'polypeptide(L)'
;MGSSHHHHHHSSGLVPRGSHMASMTGGQQMGRGKRPKPGGWNTGGSRYPGQGSPGGNRYPPQGGGGWGQPHGGGWGQPHG
GGWGQPHGGGWGQPHGGGWGQGGGTHSQWNKPSKPKTNMKHMAGAAAAGAVVGGLGGYMLGSAMSRPIIHFGSDYEDRYY
RENMHRYPNQVYYRPMDEYSNQNNFVHDCVNITIKQHTVTTTTKGENFTETDVKMMERVVEQMCITQYERESQAYYQRGS
S
;
A
2 'polypeptide(L)'
;AVQLQESGGGLVQPGGSLRLSCAASGRTFSSYNMGWFRQAPGKGREFVASITSSGDKSDYTDSVKGRFTISRDNAKNTMY
LQMNNLKPEDTATYYCARGLGIYIIRARGGYDHWGQGTQVTVSSHHHHHH
;
B
#
# COMPACT_ATOMS: atom_id res chain seq x y z
N ALA A 127 -19.81 6.50 -6.74
CA ALA A 127 -18.98 5.77 -7.75
C ALA A 127 -19.41 4.34 -7.62
N ALA A 128 -18.90 3.48 -8.45
CA ALA A 128 -19.32 2.10 -8.33
C ALA A 128 -18.46 1.38 -7.27
N GLY A 129 -19.07 0.61 -6.37
CA GLY A 129 -18.32 -0.26 -5.49
C GLY A 129 -17.69 -1.43 -6.20
N ALA A 130 -16.51 -1.87 -5.75
CA ALA A 130 -15.81 -2.95 -6.38
C ALA A 130 -15.03 -3.87 -5.40
N VAL A 131 -14.79 -5.07 -5.81
CA VAL A 131 -13.98 -6.10 -5.15
C VAL A 131 -12.84 -6.39 -6.09
N VAL A 132 -11.60 -6.30 -5.60
CA VAL A 132 -10.41 -6.60 -6.39
C VAL A 132 -9.51 -7.47 -5.54
N GLY A 133 -9.06 -8.58 -6.12
CA GLY A 133 -8.13 -9.48 -5.44
C GLY A 133 -8.74 -10.08 -4.17
N GLY A 134 -10.07 -10.23 -4.08
CA GLY A 134 -10.78 -10.69 -2.91
C GLY A 134 -10.99 -9.75 -1.76
N LEU A 135 -10.77 -8.43 -1.99
CA LEU A 135 -11.01 -7.45 -0.99
C LEU A 135 -12.06 -6.43 -1.55
N GLY A 136 -13.14 -6.18 -0.83
CA GLY A 136 -14.09 -5.15 -1.23
C GLY A 136 -13.79 -3.80 -0.68
N GLY A 137 -14.66 -2.83 -0.85
CA GLY A 137 -14.46 -1.52 -0.35
C GLY A 137 -13.75 -0.60 -1.37
N TYR A 138 -13.46 -1.10 -2.51
CA TYR A 138 -12.88 -0.23 -3.54
C TYR A 138 -14.00 0.52 -4.23
N MET A 139 -13.65 1.66 -4.80
N MET A 139 -13.63 1.56 -4.93
CA MET A 139 -14.49 2.42 -5.74
CA MET A 139 -14.55 2.28 -5.79
C MET A 139 -13.86 2.27 -7.13
C MET A 139 -13.91 2.42 -7.14
N LEU A 140 -14.69 2.21 -8.19
CA LEU A 140 -14.22 2.31 -9.58
C LEU A 140 -14.72 3.67 -10.11
N GLY A 141 -13.79 4.54 -10.45
CA GLY A 141 -14.14 5.87 -10.92
C GLY A 141 -14.76 5.79 -12.33
N SER A 142 -15.19 6.98 -12.75
CA SER A 142 -15.77 7.16 -14.05
C SER A 142 -14.66 7.00 -15.08
N ALA A 143 -15.13 6.73 -16.29
CA ALA A 143 -14.22 6.77 -17.42
C ALA A 143 -13.77 8.16 -17.74
N MET A 144 -12.48 8.39 -17.77
CA MET A 144 -11.92 9.74 -17.85
C MET A 144 -11.27 9.96 -19.24
N SER A 145 -11.12 11.24 -19.51
CA SER A 145 -10.31 11.70 -20.62
C SER A 145 -8.86 11.54 -20.15
N ARG A 146 -8.15 10.58 -20.76
CA ARG A 146 -6.74 10.38 -20.35
C ARG A 146 -5.86 11.53 -20.65
N PRO A 147 -5.05 12.02 -19.76
CA PRO A 147 -4.20 13.18 -20.07
C PRO A 147 -3.06 12.79 -21.00
N ILE A 148 -2.70 13.72 -21.85
CA ILE A 148 -1.48 13.56 -22.60
C ILE A 148 -0.33 13.69 -21.58
N ILE A 149 0.63 12.76 -21.54
CA ILE A 149 1.76 12.77 -20.63
C ILE A 149 2.98 13.14 -21.49
N HIS A 150 3.89 13.98 -20.97
CA HIS A 150 5.23 14.14 -21.63
C HIS A 150 6.31 13.36 -20.93
N PHE A 151 7.18 12.78 -21.73
CA PHE A 151 8.20 11.88 -21.19
C PHE A 151 9.62 12.42 -21.38
N GLY A 152 9.76 13.56 -22.02
CA GLY A 152 11.11 14.16 -22.30
C GLY A 152 11.84 13.70 -23.58
N SER A 153 11.15 12.93 -24.43
CA SER A 153 11.61 12.72 -25.82
C SER A 153 10.39 12.74 -26.68
N ASP A 154 10.44 13.37 -27.84
CA ASP A 154 9.35 13.35 -28.78
C ASP A 154 8.94 11.96 -29.18
N TYR A 155 9.89 11.04 -29.29
CA TYR A 155 9.62 9.71 -29.60
C TYR A 155 8.70 9.00 -28.61
N GLU A 156 9.06 9.13 -27.32
CA GLU A 156 8.23 8.47 -26.32
C GLU A 156 6.92 9.19 -26.29
N ASP A 157 6.86 10.49 -26.49
CA ASP A 157 5.58 11.18 -26.50
C ASP A 157 4.68 10.56 -27.57
N ARG A 158 5.19 10.33 -28.78
CA ARG A 158 4.42 9.83 -29.81
C ARG A 158 4.04 8.37 -29.60
N TYR A 159 4.90 7.52 -29.02
CA TYR A 159 4.59 6.21 -28.57
C TYR A 159 3.35 6.21 -27.63
N TYR A 160 3.46 7.08 -26.67
CA TYR A 160 2.30 7.25 -25.75
C TYR A 160 1.03 7.57 -26.51
N ARG A 161 1.04 8.56 -27.39
CA ARG A 161 -0.16 8.90 -28.14
C ARG A 161 -0.67 7.73 -28.90
N GLU A 162 0.18 6.90 -29.48
CA GLU A 162 -0.21 5.78 -30.30
C GLU A 162 -0.71 4.59 -29.52
N ASN A 163 -0.31 4.49 -28.24
CA ASN A 163 -0.62 3.30 -27.39
C ASN A 163 -1.58 3.56 -26.19
N MET A 164 -1.93 4.80 -26.00
CA MET A 164 -2.64 5.23 -24.74
C MET A 164 -3.99 4.56 -24.68
N HIS A 165 -4.60 4.21 -25.82
CA HIS A 165 -5.84 3.44 -25.82
C HIS A 165 -5.77 2.07 -25.21
N ARG A 166 -4.58 1.52 -25.04
CA ARG A 166 -4.36 0.24 -24.40
C ARG A 166 -4.29 0.32 -22.84
N TYR A 167 -4.24 1.59 -22.37
CA TYR A 167 -3.95 1.81 -20.97
C TYR A 167 -5.28 2.07 -20.28
N PRO A 168 -5.35 2.03 -18.93
CA PRO A 168 -6.60 2.32 -18.28
C PRO A 168 -7.10 3.75 -18.57
N ASN A 169 -8.44 3.84 -18.44
CA ASN A 169 -9.07 5.16 -18.37
C ASN A 169 -10.02 5.26 -17.22
N GLN A 170 -9.92 4.36 -16.29
CA GLN A 170 -10.80 4.35 -15.05
C GLN A 170 -9.88 3.86 -13.97
N VAL A 171 -9.98 4.37 -12.75
CA VAL A 171 -9.11 3.98 -11.68
C VAL A 171 -9.90 3.40 -10.51
N TYR A 172 -9.27 2.44 -9.86
CA TYR A 172 -9.74 1.89 -8.60
C TYR A 172 -9.15 2.59 -7.43
N TYR A 173 -9.93 3.03 -6.40
CA TYR A 173 -9.42 3.76 -5.27
C TYR A 173 -10.24 3.31 -4.07
N ARG A 174 -9.85 3.81 -2.92
CA ARG A 174 -10.57 3.55 -1.61
C ARG A 174 -10.85 4.88 -0.99
N PRO A 175 -11.78 4.89 0.01
CA PRO A 175 -12.09 6.12 0.60
C PRO A 175 -10.89 6.85 1.19
N MET A 176 -10.86 8.18 1.15
CA MET A 176 -9.82 8.98 1.65
C MET A 176 -9.52 8.71 3.11
N ASP A 177 -10.61 8.37 3.84
CA ASP A 177 -10.41 8.13 5.22
C ASP A 177 -9.63 6.89 5.61
N GLU A 178 -9.23 6.07 4.60
CA GLU A 178 -8.48 4.90 4.82
C GLU A 178 -6.95 5.21 4.81
N TYR A 179 -6.58 6.44 4.62
CA TYR A 179 -5.18 6.90 4.50
C TYR A 179 -4.95 8.11 5.34
N SER A 180 -3.74 8.28 5.77
CA SER A 180 -3.31 9.51 6.47
C SER A 180 -2.59 10.51 5.53
N ASN A 181 -2.40 10.15 4.25
CA ASN A 181 -1.65 11.03 3.35
C ASN A 181 -2.04 10.75 1.90
N GLN A 182 -1.77 11.67 1.03
CA GLN A 182 -2.12 11.53 -0.37
C GLN A 182 -1.30 10.50 -1.06
N ASN A 183 -0.02 10.43 -0.76
CA ASN A 183 0.86 9.50 -1.53
C ASN A 183 0.34 8.09 -1.32
N ASN A 184 -0.16 7.71 -0.16
CA ASN A 184 -0.58 6.35 0.02
C ASN A 184 -1.86 6.04 -0.73
N PHE A 185 -2.80 6.97 -0.75
CA PHE A 185 -4.01 6.89 -1.53
C PHE A 185 -3.61 6.65 -2.98
N VAL A 186 -2.74 7.46 -3.51
CA VAL A 186 -2.41 7.41 -4.94
C VAL A 186 -1.60 6.14 -5.22
N HIS A 187 -0.72 5.70 -4.33
CA HIS A 187 0.00 4.46 -4.61
C HIS A 187 -0.89 3.31 -4.73
N ASP A 188 -1.89 3.15 -3.87
CA ASP A 188 -2.83 2.06 -3.94
C ASP A 188 -3.60 2.12 -5.25
N CYS A 189 -4.07 3.33 -5.61
CA CYS A 189 -4.87 3.53 -6.80
C CYS A 189 -4.04 3.10 -8.03
N VAL A 190 -2.78 3.47 -8.09
CA VAL A 190 -1.94 3.11 -9.24
C VAL A 190 -1.77 1.61 -9.22
N ASN A 191 -1.33 1.04 -8.13
CA ASN A 191 -0.98 -0.36 -8.07
C ASN A 191 -2.17 -1.18 -8.39
N ILE A 192 -3.31 -1.02 -7.70
CA ILE A 192 -4.46 -1.90 -7.96
C ILE A 192 -5.03 -1.69 -9.32
N THR A 193 -5.13 -0.47 -9.78
CA THR A 193 -5.63 -0.29 -11.16
C THR A 193 -4.80 -1.06 -12.16
N ILE A 194 -3.52 -0.91 -12.10
CA ILE A 194 -2.68 -1.56 -13.11
C ILE A 194 -2.70 -3.07 -12.89
N LYS A 195 -2.77 -3.57 -11.68
CA LYS A 195 -2.95 -5.05 -11.44
C LYS A 195 -4.22 -5.51 -12.10
N GLN A 196 -5.34 -4.85 -11.88
CA GLN A 196 -6.61 -5.33 -12.38
C GLN A 196 -6.59 -5.27 -13.91
N HIS A 197 -6.03 -4.20 -14.48
CA HIS A 197 -6.03 -3.97 -15.93
C HIS A 197 -5.18 -5.07 -16.55
N THR A 198 -4.09 -5.41 -15.92
CA THR A 198 -3.12 -6.39 -16.50
C THR A 198 -3.80 -7.72 -16.50
N VAL A 199 -4.48 -8.09 -15.42
CA VAL A 199 -5.27 -9.35 -15.34
C VAL A 199 -6.31 -9.38 -16.46
N THR A 200 -7.14 -8.34 -16.59
CA THR A 200 -8.34 -8.49 -17.41
C THR A 200 -7.87 -8.44 -18.89
N THR A 201 -6.88 -7.62 -19.20
CA THR A 201 -6.38 -7.48 -20.60
C THR A 201 -5.51 -8.65 -21.04
N THR A 202 -4.85 -9.34 -20.11
CA THR A 202 -4.00 -10.48 -20.54
C THR A 202 -4.90 -11.64 -21.00
N THR A 203 -6.12 -11.72 -20.49
CA THR A 203 -7.06 -12.78 -20.92
C THR A 203 -7.60 -12.51 -22.34
N LYS A 204 -7.59 -11.26 -22.74
CA LYS A 204 -7.97 -10.90 -24.08
C LYS A 204 -6.77 -10.81 -25.01
N GLY A 205 -5.63 -11.43 -24.66
CA GLY A 205 -4.41 -11.39 -25.49
C GLY A 205 -3.40 -10.25 -25.37
N GLU A 206 -3.60 -9.28 -24.48
CA GLU A 206 -2.65 -8.15 -24.39
C GLU A 206 -1.24 -8.60 -23.88
N ASN A 207 -0.19 -7.88 -24.28
CA ASN A 207 1.11 -8.00 -23.63
C ASN A 207 1.73 -6.60 -23.49
N PHE A 208 2.13 -6.27 -22.29
CA PHE A 208 2.76 -5.00 -22.01
C PHE A 208 4.29 -5.09 -21.85
N THR A 209 4.99 -4.18 -22.48
CA THR A 209 6.41 -4.11 -22.32
C THR A 209 6.73 -3.25 -21.10
N GLU A 210 7.99 -3.23 -20.74
CA GLU A 210 8.50 -2.34 -19.73
C GLU A 210 8.11 -0.90 -19.98
N THR A 211 8.14 -0.45 -21.23
CA THR A 211 7.81 0.93 -21.63
C THR A 211 6.30 1.13 -21.32
N ASP A 212 5.47 0.21 -21.77
CA ASP A 212 4.03 0.28 -21.50
C ASP A 212 3.76 0.43 -20.00
N VAL A 213 4.41 -0.40 -19.19
CA VAL A 213 4.18 -0.39 -17.72
C VAL A 213 4.56 0.98 -17.15
N LYS A 214 5.70 1.55 -17.53
CA LYS A 214 6.15 2.82 -17.11
C LYS A 214 5.11 3.89 -17.50
N MET A 215 4.64 3.80 -18.74
CA MET A 215 3.69 4.81 -19.23
C MET A 215 2.36 4.67 -18.46
N MET A 216 1.87 3.48 -18.30
CA MET A 216 0.64 3.24 -17.50
C MET A 216 0.82 3.79 -16.11
N GLU A 217 1.98 3.57 -15.48
CA GLU A 217 2.17 4.08 -14.10
C GLU A 217 2.05 5.59 -14.14
N ARG A 218 2.59 6.28 -15.16
CA ARG A 218 2.49 7.75 -15.18
C ARG A 218 1.06 8.24 -15.43
N VAL A 219 0.33 7.72 -16.39
CA VAL A 219 -0.99 8.23 -16.69
C VAL A 219 -1.94 7.84 -15.54
N VAL A 220 -1.84 6.61 -15.04
CA VAL A 220 -2.74 6.21 -13.94
C VAL A 220 -2.42 7.05 -12.70
N GLU A 221 -1.17 7.37 -12.41
CA GLU A 221 -0.81 8.25 -11.30
C GLU A 221 -1.53 9.62 -11.47
N GLN A 222 -1.56 10.21 -12.68
CA GLN A 222 -2.26 11.51 -12.85
C GLN A 222 -3.70 11.33 -12.62
N MET A 223 -4.34 10.29 -13.14
CA MET A 223 -5.77 10.10 -12.95
C MET A 223 -6.09 9.82 -11.45
N CYS A 224 -5.19 9.18 -10.73
CA CYS A 224 -5.37 8.94 -9.29
C CYS A 224 -5.23 10.20 -8.52
N ILE A 225 -4.32 11.09 -8.89
CA ILE A 225 -4.20 12.42 -8.25
C ILE A 225 -5.47 13.24 -8.49
N THR A 226 -5.99 13.22 -9.72
CA THR A 226 -7.27 13.89 -9.99
C THR A 226 -8.30 13.31 -9.08
N GLN A 227 -8.38 11.97 -8.89
CA GLN A 227 -9.41 11.36 -8.05
C GLN A 227 -9.23 11.82 -6.64
N TYR A 228 -8.00 11.82 -6.10
CA TYR A 228 -7.72 12.33 -4.77
C TYR A 228 -8.25 13.75 -4.60
N GLU A 229 -7.99 14.59 -5.56
CA GLU A 229 -8.52 16.01 -5.48
C GLU A 229 -10.00 16.04 -5.41
N ARG A 230 -10.67 15.20 -6.17
CA ARG A 230 -12.14 15.15 -6.11
C ARG A 230 -12.53 14.71 -4.74
N GLU A 231 -11.91 13.66 -4.22
CA GLU A 231 -12.29 13.22 -2.84
C GLU A 231 -11.98 14.26 -1.80
N SER A 232 -10.87 14.94 -1.91
CA SER A 232 -10.47 15.91 -0.92
C SER A 232 -11.43 17.18 -0.97
N GLN A 233 -11.84 17.60 -2.15
CA GLN A 233 -12.85 18.72 -2.22
C GLN A 233 -14.21 18.32 -1.67
N ALA A 234 -14.68 17.12 -1.96
CA ALA A 234 -15.92 16.62 -1.34
C ALA A 234 -15.85 16.65 0.20
N TYR A 235 -14.69 16.44 0.80
CA TYR A 235 -14.53 16.38 2.26
C TYR A 235 -14.65 17.77 2.93
N ALA B 1 -9.51 -19.04 16.30
CA ALA B 1 -9.28 -17.64 15.82
C ALA B 1 -7.79 -17.29 15.94
N VAL B 2 -7.10 -17.12 14.80
CA VAL B 2 -5.71 -16.56 14.77
C VAL B 2 -5.69 -15.24 15.54
N GLN B 3 -4.71 -15.10 16.43
CA GLN B 3 -4.47 -13.87 17.12
C GLN B 3 -3.02 -13.47 16.90
N LEU B 4 -2.83 -12.14 16.95
CA LEU B 4 -1.50 -11.56 16.74
C LEU B 4 -1.13 -10.74 17.96
N GLN B 5 0.14 -10.81 18.32
CA GLN B 5 0.70 -10.06 19.44
C GLN B 5 2.01 -9.37 19.08
N GLU B 6 2.02 -8.03 19.28
CA GLU B 6 3.19 -7.21 19.13
C GLU B 6 4.05 -7.23 20.37
N SER B 7 5.32 -7.14 20.17
CA SER B 7 6.29 -6.88 21.24
C SER B 7 7.49 -6.13 20.78
N GLY B 8 8.30 -5.65 21.73
CA GLY B 8 9.55 -5.04 21.38
C GLY B 8 9.59 -3.53 21.54
N GLY B 9 8.44 -2.95 21.83
CA GLY B 9 8.30 -1.48 22.07
C GLY B 9 9.15 -1.00 23.26
N GLY B 10 9.39 0.29 23.31
CA GLY B 10 10.03 0.91 24.45
C GLY B 10 10.44 2.31 24.15
N LEU B 11 11.28 2.88 25.05
CA LEU B 11 11.72 4.25 24.98
C LEU B 11 13.09 4.20 24.35
N VAL B 12 13.30 5.00 23.33
CA VAL B 12 14.52 4.92 22.57
C VAL B 12 14.92 6.36 22.25
N GLN B 13 16.24 6.54 22.18
CA GLN B 13 16.76 7.84 21.87
C GLN B 13 16.69 8.15 20.38
N PRO B 14 16.54 9.42 20.07
CA PRO B 14 16.59 9.86 18.66
C PRO B 14 17.80 9.36 17.99
N GLY B 15 17.63 8.75 16.85
CA GLY B 15 18.72 8.15 16.11
C GLY B 15 18.99 6.68 16.38
N GLY B 16 18.32 6.16 17.40
CA GLY B 16 18.51 4.86 17.85
C GLY B 16 17.66 3.85 17.03
N SER B 17 17.64 2.63 17.57
CA SER B 17 17.22 1.44 16.80
C SER B 17 16.33 0.63 17.75
N LEU B 18 15.28 0.00 17.19
CA LEU B 18 14.43 -0.93 17.90
C LEU B 18 13.96 -1.98 16.88
N ARG B 19 13.76 -3.19 17.34
CA ARG B 19 13.18 -4.22 16.54
C ARG B 19 11.90 -4.72 17.14
N LEU B 20 10.76 -4.54 16.43
CA LEU B 20 9.52 -5.07 16.85
C LEU B 20 9.25 -6.47 16.31
N SER B 21 8.43 -7.21 17.02
CA SER B 21 8.03 -8.56 16.61
C SER B 21 6.53 -8.60 16.65
N CYS B 22 5.96 -9.44 15.75
CA CYS B 22 4.55 -9.82 15.71
C CYS B 22 4.52 -11.30 15.66
N ALA B 23 3.97 -11.92 16.69
CA ALA B 23 3.81 -13.36 16.78
C ALA B 23 2.37 -13.73 16.55
N ALA B 24 2.15 -14.71 15.68
CA ALA B 24 0.85 -15.18 15.37
C ALA B 24 0.57 -16.57 15.97
N SER B 25 -0.63 -16.74 16.56
CA SER B 25 -1.08 -18.10 16.91
C SER B 25 -1.62 -18.79 15.67
N GLY B 26 -1.98 -20.08 15.75
CA GLY B 26 -2.49 -20.80 14.56
C GLY B 26 -1.46 -21.39 13.66
N ARG B 27 -1.93 -21.93 12.54
CA ARG B 27 -1.14 -22.67 11.63
C ARG B 27 -1.31 -22.25 10.19
N THR B 28 -1.68 -20.95 9.99
CA THR B 28 -1.82 -20.47 8.65
C THR B 28 -1.03 -19.17 8.44
N PHE B 29 0.02 -18.99 9.22
CA PHE B 29 0.78 -17.68 9.16
C PHE B 29 1.30 -17.40 7.75
N SER B 30 1.95 -18.38 7.14
CA SER B 30 2.55 -18.21 5.84
C SER B 30 1.62 -18.10 4.65
N SER B 31 0.30 -18.26 4.85
CA SER B 31 -0.72 -18.14 3.81
C SER B 31 -1.18 -16.70 3.59
N TYR B 32 -0.76 -15.79 4.46
CA TYR B 32 -1.30 -14.44 4.41
C TYR B 32 -0.22 -13.38 4.34
N ASN B 33 -0.57 -12.37 3.57
CA ASN B 33 0.18 -11.11 3.66
C ASN B 33 -0.02 -10.51 5.05
N MET B 34 0.93 -9.63 5.44
CA MET B 34 0.97 -9.04 6.77
C MET B 34 1.45 -7.60 6.71
N GLY B 35 1.06 -6.82 7.70
CA GLY B 35 1.46 -5.40 7.73
C GLY B 35 1.59 -4.83 9.12
N TRP B 36 2.25 -3.67 9.14
CA TRP B 36 2.43 -2.89 10.32
C TRP B 36 1.81 -1.50 10.07
N PHE B 37 1.14 -1.03 11.07
CA PHE B 37 0.56 0.27 11.17
C PHE B 37 0.97 0.98 12.47
N ARG B 38 0.71 2.29 12.58
CA ARG B 38 1.00 3.03 13.81
C ARG B 38 -0.04 4.10 14.07
N GLN B 39 -0.26 4.32 15.38
CA GLN B 39 -1.21 5.35 15.77
C GLN B 39 -0.68 6.14 16.94
N ALA B 40 -0.60 7.43 16.70
CA ALA B 40 -0.23 8.43 17.82
C ALA B 40 -1.45 9.12 18.30
N PRO B 41 -1.49 9.57 19.63
CA PRO B 41 -2.66 10.27 19.99
C PRO B 41 -2.88 11.54 19.17
N GLY B 42 -4.16 11.77 18.88
CA GLY B 42 -4.64 12.75 18.01
C GLY B 42 -4.60 12.46 16.51
N LYS B 43 -4.17 11.26 16.14
CA LYS B 43 -4.07 10.87 14.73
C LYS B 43 -4.75 9.57 14.57
N GLY B 44 -5.06 9.20 13.33
CA GLY B 44 -5.57 7.83 13.14
C GLY B 44 -4.46 6.80 12.85
N ARG B 45 -4.85 5.56 12.85
CA ARG B 45 -3.99 4.40 12.55
C ARG B 45 -3.53 4.44 11.10
N GLU B 46 -2.21 4.57 10.85
CA GLU B 46 -1.64 4.77 9.53
C GLU B 46 -0.61 3.70 9.11
N PHE B 47 -0.60 3.46 7.83
CA PHE B 47 0.29 2.48 7.20
C PHE B 47 1.76 2.79 7.58
N VAL B 48 2.50 1.72 7.86
CA VAL B 48 3.96 1.77 7.98
C VAL B 48 4.63 0.88 6.97
N ALA B 49 4.34 -0.45 6.98
CA ALA B 49 5.01 -1.32 6.03
C ALA B 49 4.18 -2.61 5.90
N SER B 50 4.42 -3.32 4.81
CA SER B 50 3.71 -4.60 4.53
C SER B 50 4.62 -5.56 3.81
N ILE B 51 4.24 -6.86 3.84
CA ILE B 51 5.03 -7.92 3.21
C ILE B 51 4.09 -8.99 2.79
N THR B 52 4.39 -9.60 1.65
CA THR B 52 3.53 -10.66 1.11
C THR B 52 3.78 -11.92 1.94
N SER B 53 2.80 -12.80 1.77
CA SER B 53 2.85 -14.13 2.37
C SER B 53 4.20 -14.83 2.26
N SER B 54 4.77 -14.84 1.06
CA SER B 54 6.02 -15.54 0.79
C SER B 54 7.23 -14.72 1.19
N GLY B 55 7.09 -13.40 1.46
CA GLY B 55 8.26 -12.56 1.61
C GLY B 55 8.81 -12.01 0.30
N ASP B 56 8.15 -12.25 -0.82
CA ASP B 56 8.72 -11.88 -2.09
C ASP B 56 8.68 -10.41 -2.41
N LYS B 57 7.78 -9.72 -1.74
CA LYS B 57 7.57 -8.23 -1.96
C LYS B 57 7.28 -7.56 -0.66
N SER B 58 7.75 -6.34 -0.55
CA SER B 58 7.48 -5.51 0.64
C SER B 58 7.10 -4.11 0.19
N ASP B 59 6.58 -3.34 1.10
CA ASP B 59 6.14 -1.98 0.75
C ASP B 59 6.26 -1.16 2.00
N TYR B 60 6.48 0.18 1.86
CA TYR B 60 6.71 1.12 2.97
C TYR B 60 6.02 2.43 2.73
N THR B 61 5.58 3.05 3.80
CA THR B 61 5.17 4.48 3.69
C THR B 61 6.45 5.31 3.40
N ASP B 62 6.30 6.39 2.67
CA ASP B 62 7.44 7.17 2.27
C ASP B 62 8.32 7.67 3.51
N SER B 63 7.70 8.02 4.57
CA SER B 63 8.49 8.61 5.68
C SER B 63 9.37 7.64 6.39
N VAL B 64 9.22 6.35 6.14
CA VAL B 64 10.07 5.32 6.82
C VAL B 64 10.98 4.57 5.85
N LYS B 65 10.80 4.74 4.57
CA LYS B 65 11.61 4.08 3.53
C LYS B 65 13.06 4.43 3.75
N GLY B 66 13.90 3.42 3.76
CA GLY B 66 15.33 3.54 3.98
C GLY B 66 15.75 3.44 5.41
N ARG B 67 14.79 3.56 6.37
CA ARG B 67 15.04 3.48 7.78
C ARG B 67 14.52 2.24 8.43
N PHE B 68 13.37 1.76 7.93
CA PHE B 68 12.73 0.61 8.50
C PHE B 68 12.72 -0.54 7.55
N THR B 69 12.80 -1.78 8.10
CA THR B 69 12.85 -2.97 7.31
C THR B 69 11.88 -3.99 7.86
N ILE B 70 10.90 -4.40 7.05
CA ILE B 70 9.99 -5.45 7.40
C ILE B 70 10.53 -6.79 6.93
N SER B 71 10.31 -7.82 7.70
CA SER B 71 10.68 -9.17 7.28
C SER B 71 9.75 -10.16 7.98
N ARG B 72 9.85 -11.43 7.62
CA ARG B 72 9.06 -12.45 8.29
C ARG B 72 9.86 -13.76 8.31
N ASP B 73 9.62 -14.50 9.38
CA ASP B 73 10.13 -15.88 9.54
C ASP B 73 8.96 -16.80 9.50
N ASN B 74 8.68 -17.33 8.30
CA ASN B 74 7.55 -18.20 8.08
C ASN B 74 7.55 -19.59 8.84
N ALA B 75 8.74 -19.94 9.24
CA ALA B 75 8.89 -21.19 10.05
C ALA B 75 8.65 -20.93 11.53
N LYS B 76 8.57 -19.67 11.94
CA LYS B 76 8.37 -19.31 13.34
C LYS B 76 7.14 -18.43 13.63
N ASN B 77 6.27 -18.28 12.65
CA ASN B 77 5.02 -17.62 12.85
C ASN B 77 5.26 -16.16 13.37
N THR B 78 6.36 -15.53 12.88
CA THR B 78 6.76 -14.20 13.39
C THR B 78 7.10 -13.28 12.27
N MET B 79 6.62 -12.02 12.43
CA MET B 79 7.02 -10.92 11.52
C MET B 79 7.84 -9.96 12.35
N TYR B 80 8.73 -9.23 11.70
CA TYR B 80 9.51 -8.23 12.37
C TYR B 80 9.49 -6.85 11.69
N LEU B 81 9.76 -5.82 12.50
CA LEU B 81 9.99 -4.48 12.00
C LEU B 81 11.27 -3.94 12.62
N GLN B 82 12.30 -3.91 11.81
CA GLN B 82 13.56 -3.27 12.25
C GLN B 82 13.47 -1.83 12.01
N MET B 83 13.62 -1.00 13.03
CA MET B 83 13.48 0.42 12.94
C MET B 83 14.82 1.08 13.30
N ASN B 84 15.36 1.74 12.34
CA ASN B 84 16.71 2.37 12.47
C ASN B 84 16.50 3.87 12.32
N ASN B 85 17.48 4.63 12.89
CA ASN B 85 17.46 6.05 12.77
C ASN B 85 16.11 6.63 13.16
N LEU B 86 15.68 6.29 14.37
CA LEU B 86 14.36 6.70 14.84
C LEU B 86 14.29 8.17 15.04
N LYS B 87 13.13 8.79 14.80
CA LYS B 87 12.90 10.23 14.91
C LYS B 87 11.74 10.45 15.88
N PRO B 88 11.55 11.61 16.49
CA PRO B 88 10.47 11.90 17.42
C PRO B 88 9.14 11.66 16.73
N GLU B 89 9.03 11.99 15.42
CA GLU B 89 7.73 11.84 14.64
C GLU B 89 7.33 10.31 14.56
N ASP B 90 8.25 9.39 14.85
CA ASP B 90 7.97 7.93 14.84
C ASP B 90 7.30 7.45 16.13
N THR B 91 7.18 8.27 17.16
CA THR B 91 6.50 7.89 18.38
C THR B 91 5.03 7.53 18.08
N ALA B 92 4.63 6.35 18.56
CA ALA B 92 3.25 5.83 18.30
C ALA B 92 3.14 4.47 18.94
N THR B 93 1.88 4.03 19.04
CA THR B 93 1.59 2.58 19.24
C THR B 93 1.67 1.94 17.86
N TYR B 94 2.44 0.85 17.75
CA TYR B 94 2.62 0.08 16.51
C TYR B 94 1.81 -1.18 16.59
N TYR B 95 1.06 -1.48 15.53
CA TYR B 95 0.13 -2.59 15.46
C TYR B 95 0.50 -3.42 14.27
N CYS B 96 0.43 -4.73 14.49
CA CYS B 96 0.51 -5.61 13.36
C CYS B 96 -0.90 -6.15 12.99
N ALA B 97 -1.01 -6.59 11.75
CA ALA B 97 -2.29 -6.91 11.15
C ALA B 97 -2.09 -7.92 10.05
N ARG B 98 -3.15 -8.68 9.71
CA ARG B 98 -3.12 -9.70 8.67
C ARG B 98 -3.86 -9.10 7.42
N GLY B 99 -3.27 -9.26 6.27
CA GLY B 99 -3.80 -8.79 5.03
C GLY B 99 -5.15 -9.36 4.67
N LEU B 100 -5.99 -8.58 4.05
CA LEU B 100 -7.24 -9.05 3.44
C LEU B 100 -7.00 -9.09 1.97
N GLY B 101 -7.48 -10.10 1.30
CA GLY B 101 -7.25 -10.24 -0.08
C GLY B 101 -5.85 -10.57 -0.47
N ILE B 102 -5.55 -10.68 -1.79
CA ILE B 102 -4.29 -11.19 -2.18
C ILE B 102 -3.17 -10.19 -2.42
N TYR B 103 -3.50 -8.87 -2.31
CA TYR B 103 -2.64 -7.80 -2.61
C TYR B 103 -2.30 -6.98 -1.39
N ILE B 104 -1.01 -6.75 -1.20
CA ILE B 104 -0.67 -5.84 -0.11
C ILE B 104 -1.00 -4.38 -0.52
N ILE B 105 -1.73 -3.68 0.33
CA ILE B 105 -2.09 -2.29 0.06
C ILE B 105 -1.75 -1.43 1.26
N ARG B 106 -1.85 -0.11 1.11
CA ARG B 106 -1.58 0.82 2.21
C ARG B 106 -2.81 1.25 3.01
N ALA B 107 -4.01 0.98 2.49
CA ALA B 107 -5.20 1.38 3.18
C ALA B 107 -5.48 0.64 4.45
N ARG B 108 -6.05 1.35 5.41
CA ARG B 108 -6.49 0.79 6.72
C ARG B 108 -7.50 -0.37 6.50
N GLY B 109 -8.29 -0.27 5.46
CA GLY B 109 -9.20 -1.36 5.12
C GLY B 109 -8.61 -2.61 4.56
N GLY B 110 -7.32 -2.66 4.31
CA GLY B 110 -6.69 -3.79 3.68
C GLY B 110 -6.20 -4.84 4.64
N TYR B 111 -6.49 -4.70 5.94
CA TYR B 111 -5.97 -5.60 6.97
C TYR B 111 -6.99 -5.79 8.07
N ASP B 112 -6.85 -6.90 8.82
CA ASP B 112 -7.66 -7.11 10.07
C ASP B 112 -6.85 -7.87 11.07
N HIS B 113 -7.48 -8.47 12.07
CA HIS B 113 -6.77 -9.23 13.06
C HIS B 113 -5.76 -8.39 13.83
N TRP B 114 -6.06 -7.09 13.95
CA TRP B 114 -5.17 -6.20 14.70
C TRP B 114 -4.74 -6.69 16.06
N GLY B 115 -3.45 -6.65 16.36
CA GLY B 115 -2.98 -6.83 17.75
C GLY B 115 -3.32 -5.73 18.70
N GLN B 116 -2.96 -5.93 19.95
CA GLN B 116 -3.24 -4.89 20.95
C GLN B 116 -2.23 -3.77 20.92
N GLY B 117 -1.12 -3.96 20.20
CA GLY B 117 -0.14 -2.89 20.02
C GLY B 117 1.05 -2.92 20.93
N THR B 118 2.18 -2.30 20.45
CA THR B 118 3.29 -2.05 21.31
C THR B 118 3.73 -0.58 21.22
N GLN B 119 3.98 0.11 22.35
CA GLN B 119 4.27 1.52 22.39
C GLN B 119 5.73 1.76 22.09
N VAL B 120 6.02 2.64 21.12
CA VAL B 120 7.34 3.13 20.83
C VAL B 120 7.37 4.67 21.06
N THR B 121 8.33 5.08 21.95
CA THR B 121 8.50 6.45 22.27
C THR B 121 9.95 6.84 21.97
N VAL B 122 10.09 7.82 21.10
CA VAL B 122 11.42 8.33 20.68
C VAL B 122 11.60 9.71 21.37
N SER B 123 12.50 9.79 22.37
CA SER B 123 12.52 10.89 23.40
C SER B 123 11.99 12.24 22.91
#